data_1XWQ
#
_entry.id   1XWQ
#
_cell.length_a   50.991
_cell.length_b   90.843
_cell.length_c   98.139
_cell.angle_alpha   90.00
_cell.angle_beta   90.00
_cell.angle_gamma   90.00
#
_symmetry.space_group_name_H-M   'P 21 21 21'
#
loop_
_entity.id
_entity.type
_entity.pdbx_description
1 polymer endo-1,4-beta-xylanase
2 branched beta-D-xylopyranose-(1-4)-beta-D-xylopyranose-(1-4)-beta-D-xylopyranose
3 water water
#
_entity_poly.entity_id   1
_entity_poly.type   'polypeptide(L)'
_entity_poly.pdbx_seq_one_letter_code
;AFNNNPSSVGAYSSGTYRNLAQEMGKTNIQQKVNSTFDNMFGYNNTQQLYYPYTENGVYKAHYIKAINPDEGDDIRTQGQ
SWGMTAAVMLNKQEEFDNLWRFAKAYQKNPDNHPDAKKQGVYAWKLKLNQNGFVYKVDEGPAPDGEEYFAFALLNASARW
GNSGEFNYYNDAITMLNTIKNKLMENQIIRFSPYIDNLTDPSYHIPAFYDYFANNVTNQADKNYWRQVATKSRTLLKNHF
TKVSGSPHWNLPTFLSRLDGSPVIGYIFNGQANPGQWYEFDAWRVIMNVGLDAHLMGAQAWHKSAVNKALGFLSYAKTNN
SKNCYEQVYSYGGAQNRGCAGEGQKAANAVALLASTNAGQANEFFNEFWSLSQPTGDYRYYNGSLYMLAMLHVSGNFKFY
NNTFN
;
_entity_poly.pdbx_strand_id   A
#
loop_
_chem_comp.id
_chem_comp.type
_chem_comp.name
_chem_comp.formula
XYP D-saccharide, beta linking beta-D-xylopyranose 'C5 H10 O5'
#
# COMPACT_ATOMS: atom_id res chain seq x y z
N ALA A 1 -9.00 2.33 26.04
CA ALA A 1 -10.23 2.08 25.24
C ALA A 1 -10.10 2.69 23.85
N PHE A 2 -10.83 2.12 22.89
CA PHE A 2 -10.85 2.60 21.51
C PHE A 2 -11.35 4.03 21.45
N ASN A 3 -10.59 4.89 20.77
CA ASN A 3 -11.04 6.24 20.49
C ASN A 3 -11.98 6.24 19.29
N ASN A 4 -13.27 6.30 19.57
CA ASN A 4 -14.29 6.25 18.51
C ASN A 4 -14.62 7.64 17.98
N ASN A 5 -13.83 8.64 18.37
CA ASN A 5 -13.98 10.00 17.88
C ASN A 5 -12.64 10.52 17.34
N PRO A 6 -12.15 9.94 16.24
CA PRO A 6 -10.85 10.33 15.68
C PRO A 6 -10.80 11.80 15.33
N SER A 7 -9.69 12.45 15.65
CA SER A 7 -9.53 13.88 15.44
C SER A 7 -9.61 14.27 13.97
N SER A 8 -10.18 15.45 13.72
CA SER A 8 -10.17 16.06 12.39
C SER A 8 -8.82 16.74 12.11
N VAL A 9 -7.95 16.76 13.13
CA VAL A 9 -6.58 17.22 12.97
C VAL A 9 -5.68 15.99 12.89
N GLY A 10 -4.92 15.87 11.82
CA GLY A 10 -4.09 14.70 11.62
C GLY A 10 -2.80 14.72 12.41
N ALA A 11 -2.22 13.53 12.60
CA ALA A 11 -0.93 13.35 13.25
C ALA A 11 0.19 14.11 12.56
N TYR A 12 0.09 14.23 11.24
CA TYR A 12 1.08 14.97 10.46
C TYR A 12 1.15 16.43 10.93
N SER A 13 0.00 17.00 11.24
CA SER A 13 -0.10 18.36 11.75
C SER A 13 0.26 18.49 13.23
N SER A 14 -0.36 17.67 14.08
CA SER A 14 -0.20 17.79 15.53
C SER A 14 1.07 17.16 16.08
N GLY A 15 1.65 16.22 15.33
CA GLY A 15 2.75 15.43 15.84
C GLY A 15 2.31 14.35 16.82
N THR A 16 1.00 14.21 17.00
CA THR A 16 0.40 13.21 17.89
C THR A 16 -0.09 11.97 17.12
N TYR A 17 0.65 10.88 17.23
CA TYR A 17 0.29 9.63 16.57
C TYR A 17 -0.48 8.72 17.52
N ARG A 18 -1.58 8.17 17.03
CA ARG A 18 -2.33 7.19 17.81
C ARG A 18 -1.55 5.89 17.88
N ASN A 19 -1.70 5.20 19.01
CA ASN A 19 -1.27 3.82 19.16
C ASN A 19 -2.54 2.99 19.34
N LEU A 20 -3.08 2.48 18.23
CA LEU A 20 -4.35 1.75 18.26
C LEU A 20 -4.30 0.49 19.12
N ALA A 21 -3.20 -0.25 19.06
CA ALA A 21 -3.02 -1.44 19.88
C ALA A 21 -3.09 -1.12 21.37
N GLN A 22 -2.50 0.01 21.76
CA GLN A 22 -2.55 0.52 23.12
C GLN A 22 -3.97 0.90 23.53
N GLU A 23 -4.67 1.61 22.64
CA GLU A 23 -6.08 1.96 22.86
C GLU A 23 -6.91 0.71 23.15
N MET A 24 -6.62 -0.36 22.41
CA MET A 24 -7.29 -1.65 22.56
C MET A 24 -6.78 -2.50 23.73
N GLY A 25 -5.89 -1.93 24.54
CA GLY A 25 -5.42 -2.59 25.75
C GLY A 25 -4.44 -3.73 25.55
N LYS A 26 -3.74 -3.74 24.42
CA LYS A 26 -2.74 -4.76 24.16
C LYS A 26 -1.44 -4.44 24.86
N THR A 27 -0.66 -5.49 25.16
CA THR A 27 0.64 -5.33 25.80
C THR A 27 1.75 -5.86 24.88
N ASN A 28 3.01 -5.54 25.22
CA ASN A 28 4.17 -5.96 24.42
C ASN A 28 4.02 -5.59 22.94
N ILE A 29 3.53 -4.38 22.70
CA ILE A 29 3.20 -3.93 21.35
C ILE A 29 4.45 -3.77 20.51
N GLN A 30 5.42 -3.02 21.04
CA GLN A 30 6.65 -2.74 20.32
C GLN A 30 7.48 -4.00 20.08
N GLN A 31 7.52 -4.88 21.09
CA GLN A 31 8.13 -6.21 20.90
C GLN A 31 7.52 -6.94 19.70
N LYS A 32 6.20 -6.91 19.58
CA LYS A 32 5.51 -7.61 18.49
C LYS A 32 5.82 -6.98 17.13
N VAL A 33 5.84 -5.64 17.08
CA VAL A 33 6.23 -4.89 15.89
C VAL A 33 7.66 -5.25 15.48
N ASN A 34 8.57 -5.25 16.45
CA ASN A 34 9.97 -5.59 16.20
C ASN A 34 10.19 -7.00 15.69
N SER A 35 9.50 -7.97 16.32
CA SER A 35 9.60 -9.37 15.91
C SER A 35 9.02 -9.59 14.51
N THR A 36 7.94 -8.86 14.20
CA THR A 36 7.34 -8.92 12.86
C THR A 36 8.37 -8.53 11.79
N PHE A 37 9.08 -7.43 12.02
CA PHE A 37 10.11 -7.02 11.08
C PHE A 37 11.26 -8.03 11.02
N ASP A 38 11.73 -8.44 12.19
CA ASP A 38 12.85 -9.39 12.28
C ASP A 38 12.57 -10.70 11.55
N ASN A 39 11.34 -11.19 11.66
CA ASN A 39 10.93 -12.41 10.98
C ASN A 39 10.78 -12.23 9.47
N MET A 40 10.21 -11.10 9.05
CA MET A 40 10.05 -10.84 7.63
C MET A 40 11.40 -10.62 6.95
N PHE A 41 12.31 -9.99 7.68
CA PHE A 41 13.63 -9.63 7.15
C PHE A 41 14.76 -10.49 7.73
N GLY A 42 14.42 -11.72 8.11
CA GLY A 42 15.39 -12.66 8.67
C GLY A 42 15.50 -13.89 7.79
N TYR A 43 16.63 -14.58 7.84
CA TYR A 43 16.85 -15.72 6.95
C TYR A 43 16.29 -17.01 7.54
N ASN A 44 14.97 -17.07 7.62
CA ASN A 44 14.28 -18.17 8.30
C ASN A 44 13.45 -19.01 7.35
N ASN A 45 13.30 -18.53 6.11
CA ASN A 45 12.48 -19.18 5.09
C ASN A 45 11.08 -19.58 5.58
N THR A 46 10.57 -18.83 6.56
CA THR A 46 9.28 -19.13 7.19
C THR A 46 8.32 -17.95 7.02
N GLN A 47 8.57 -16.86 7.73
CA GLN A 47 7.85 -15.60 7.53
C GLN A 47 8.60 -14.77 6.49
N GLN A 48 9.86 -15.14 6.25
CA GLN A 48 10.81 -14.34 5.47
C GLN A 48 10.26 -13.91 4.09
N LEU A 49 10.49 -12.65 3.76
CA LEU A 49 10.13 -12.12 2.44
C LEU A 49 11.29 -11.37 1.80
N TYR A 50 12.31 -11.09 2.61
CA TYR A 50 13.50 -10.33 2.24
C TYR A 50 14.65 -11.28 1.91
N TYR A 51 15.06 -11.29 0.65
CA TYR A 51 16.04 -12.27 0.15
C TYR A 51 17.20 -11.58 -0.56
N PRO A 52 18.42 -12.08 -0.34
CA PRO A 52 19.59 -11.56 -1.05
C PRO A 52 19.60 -12.02 -2.51
N TYR A 53 20.10 -11.17 -3.39
CA TYR A 53 20.33 -11.51 -4.78
C TYR A 53 21.85 -11.44 -5.02
N THR A 54 22.40 -12.55 -5.50
CA THR A 54 23.82 -12.66 -5.82
C THR A 54 24.00 -13.06 -7.28
N GLU A 55 25.13 -12.68 -7.87
CA GLU A 55 25.43 -13.04 -9.25
C GLU A 55 26.83 -13.64 -9.26
N ASN A 56 26.93 -14.90 -9.67
CA ASN A 56 28.18 -15.65 -9.66
C ASN A 56 28.89 -15.58 -8.29
N GLY A 57 28.10 -15.70 -7.22
CA GLY A 57 28.59 -15.68 -5.87
C GLY A 57 28.90 -14.31 -5.30
N VAL A 58 28.71 -13.25 -6.10
CA VAL A 58 28.98 -11.89 -5.65
C VAL A 58 27.67 -11.25 -5.18
N TYR A 59 27.64 -10.79 -3.93
CA TYR A 59 26.46 -10.12 -3.40
C TYR A 59 26.15 -8.85 -4.20
N LYS A 60 24.88 -8.65 -4.52
CA LYS A 60 24.44 -7.45 -5.24
C LYS A 60 23.48 -6.59 -4.41
N ALA A 61 22.31 -7.14 -4.11
CA ALA A 61 21.25 -6.39 -3.46
C ALA A 61 20.25 -7.35 -2.85
N HIS A 62 19.13 -6.83 -2.35
CA HIS A 62 18.06 -7.65 -1.78
C HIS A 62 16.75 -7.34 -2.46
N TYR A 63 15.82 -8.31 -2.44
CA TYR A 63 14.47 -8.06 -2.94
C TYR A 63 13.41 -8.66 -2.03
N ILE A 64 12.19 -8.14 -2.14
CA ILE A 64 11.03 -8.78 -1.52
C ILE A 64 10.51 -9.78 -2.53
N LYS A 65 10.48 -11.05 -2.12
CA LYS A 65 10.11 -12.14 -3.00
C LYS A 65 8.61 -12.33 -3.01
N ALA A 66 7.99 -12.10 -4.16
CA ALA A 66 6.56 -12.34 -4.30
C ALA A 66 6.33 -13.83 -4.59
N ILE A 67 6.41 -14.63 -3.52
CA ILE A 67 6.21 -16.07 -3.61
C ILE A 67 4.87 -16.36 -4.26
N ASN A 68 4.87 -17.30 -5.20
CA ASN A 68 3.69 -17.60 -6.01
C ASN A 68 3.72 -19.05 -6.47
N PRO A 69 2.97 -19.92 -5.78
CA PRO A 69 2.89 -21.35 -6.14
C PRO A 69 2.09 -21.59 -7.42
N ASP A 70 1.29 -20.61 -7.83
CA ASP A 70 0.41 -20.76 -8.99
C ASP A 70 1.06 -20.42 -10.32
N GLU A 71 1.91 -19.39 -10.34
CA GLU A 71 2.57 -18.94 -11.56
C GLU A 71 4.09 -18.78 -11.44
N GLY A 72 4.64 -19.25 -10.32
CA GLY A 72 6.07 -19.13 -10.08
C GLY A 72 6.41 -17.84 -9.34
N ASP A 73 7.38 -17.91 -8.44
CA ASP A 73 7.81 -16.75 -7.67
C ASP A 73 8.25 -15.63 -8.60
N ASP A 74 7.85 -14.41 -8.30
CA ASP A 74 8.37 -13.27 -9.02
C ASP A 74 8.75 -12.14 -8.07
N ILE A 75 9.13 -11.00 -8.61
CA ILE A 75 9.60 -9.88 -7.81
C ILE A 75 8.85 -8.64 -8.27
N ARG A 76 8.22 -7.93 -7.34
CA ARG A 76 7.28 -6.86 -7.69
C ARG A 76 7.69 -5.51 -7.09
N THR A 77 7.42 -4.43 -7.82
CA THR A 77 7.73 -3.09 -7.31
C THR A 77 6.89 -2.75 -6.09
N GLN A 78 5.66 -3.26 -6.09
CA GLN A 78 4.76 -3.11 -4.97
C GLN A 78 5.37 -3.63 -3.65
N GLY A 79 5.79 -4.90 -3.63
CA GLY A 79 6.43 -5.47 -2.46
C GLY A 79 7.76 -4.82 -2.10
N GLN A 80 8.55 -4.49 -3.14
CA GLN A 80 9.85 -3.83 -2.94
C GLN A 80 9.69 -2.49 -2.23
N SER A 81 8.74 -1.69 -2.71
CA SER A 81 8.51 -0.36 -2.18
C SER A 81 7.91 -0.39 -0.78
N TRP A 82 7.02 -1.33 -0.54
CA TRP A 82 6.47 -1.58 0.81
C TRP A 82 7.57 -1.99 1.78
N GLY A 83 8.50 -2.83 1.32
CA GLY A 83 9.60 -3.30 2.14
C GLY A 83 10.47 -2.15 2.60
N MET A 84 10.76 -1.23 1.68
CA MET A 84 11.53 -0.03 1.98
C MET A 84 10.80 0.86 2.98
N THR A 85 9.49 0.97 2.81
CA THR A 85 8.67 1.79 3.71
C THR A 85 8.73 1.24 5.13
N ALA A 86 8.58 -0.09 5.27
CA ALA A 86 8.69 -0.73 6.58
C ALA A 86 10.04 -0.49 7.21
N ALA A 87 11.10 -0.68 6.43
CA ALA A 87 12.46 -0.49 6.89
C ALA A 87 12.72 0.93 7.43
N VAL A 88 12.27 1.95 6.69
CA VAL A 88 12.53 3.32 7.13
C VAL A 88 11.74 3.68 8.40
N MET A 89 10.56 3.09 8.57
CA MET A 89 9.73 3.36 9.74
C MET A 89 10.39 2.84 11.02
N LEU A 90 11.17 1.77 10.90
CA LEU A 90 11.85 1.15 12.03
C LEU A 90 13.35 1.47 12.10
N ASN A 91 13.80 2.41 11.27
CA ASN A 91 15.20 2.85 11.27
C ASN A 91 16.15 1.72 10.86
N LYS A 92 15.73 0.93 9.87
CA LYS A 92 16.53 -0.21 9.41
C LYS A 92 17.21 0.13 8.08
N GLN A 93 18.36 0.79 8.19
CA GLN A 93 19.00 1.40 7.03
C GLN A 93 19.59 0.42 6.02
N GLU A 94 20.30 -0.59 6.52
CA GLU A 94 20.90 -1.59 5.62
C GLU A 94 19.83 -2.29 4.77
N GLU A 95 18.75 -2.71 5.43
CA GLU A 95 17.63 -3.35 4.73
C GLU A 95 17.03 -2.42 3.68
N PHE A 96 16.86 -1.15 4.04
CA PHE A 96 16.36 -0.14 3.10
C PHE A 96 17.28 -0.03 1.88
N ASP A 97 18.57 0.14 2.15
CA ASP A 97 19.56 0.38 1.12
C ASP A 97 19.71 -0.81 0.17
N ASN A 98 19.67 -2.01 0.72
CA ASN A 98 19.80 -3.23 -0.09
C ASN A 98 18.60 -3.39 -1.04
N LEU A 99 17.41 -3.00 -0.57
CA LEU A 99 16.19 -3.04 -1.38
C LEU A 99 16.19 -1.97 -2.45
N TRP A 100 16.61 -0.76 -2.07
CA TRP A 100 16.67 0.36 -3.00
C TRP A 100 17.76 0.16 -4.08
N ARG A 101 18.91 -0.38 -3.69
CA ARG A 101 19.95 -0.76 -4.66
C ARG A 101 19.39 -1.69 -5.74
N PHE A 102 18.58 -2.65 -5.32
CA PHE A 102 17.98 -3.63 -6.24
C PHE A 102 17.03 -2.95 -7.21
N ALA A 103 16.12 -2.13 -6.66
CA ALA A 103 15.11 -1.44 -7.46
C ALA A 103 15.76 -0.56 -8.52
N LYS A 104 16.74 0.22 -8.09
CA LYS A 104 17.44 1.13 -8.99
C LYS A 104 18.19 0.41 -10.10
N ALA A 105 18.78 -0.74 -9.77
CA ALA A 105 19.61 -1.48 -10.72
C ALA A 105 18.80 -2.33 -11.67
N TYR A 106 17.74 -2.97 -11.16
CA TYR A 106 17.10 -4.06 -11.86
C TYR A 106 15.65 -3.82 -12.24
N GLN A 107 14.97 -2.97 -11.48
CA GLN A 107 13.56 -2.67 -11.77
C GLN A 107 13.38 -1.45 -12.67
N LYS A 108 14.24 -0.45 -12.50
CA LYS A 108 14.14 0.78 -13.30
C LYS A 108 14.38 0.55 -14.79
N ASN A 109 13.40 0.93 -15.61
CA ASN A 109 13.58 0.99 -17.05
C ASN A 109 14.50 2.16 -17.42
N PRO A 110 15.40 1.97 -18.39
CA PRO A 110 16.32 3.05 -18.78
C PRO A 110 15.58 4.32 -19.20
N ASP A 111 16.21 5.46 -18.93
CA ASP A 111 15.62 6.75 -19.29
C ASP A 111 15.57 6.95 -20.80
N ASN A 112 16.32 6.14 -21.55
CA ASN A 112 16.30 6.21 -23.02
C ASN A 112 15.60 5.01 -23.69
N HIS A 113 14.73 4.34 -22.92
CA HIS A 113 13.88 3.26 -23.43
C HIS A 113 13.16 3.74 -24.70
N PRO A 114 13.15 2.91 -25.75
CA PRO A 114 12.50 3.26 -27.01
C PRO A 114 11.02 3.67 -26.85
N ASP A 115 10.35 3.15 -25.84
CA ASP A 115 8.97 3.52 -25.51
C ASP A 115 9.02 4.63 -24.47
N ALA A 116 8.64 5.86 -24.86
CA ALA A 116 8.71 7.01 -23.96
C ALA A 116 7.85 6.83 -22.70
N LYS A 117 6.78 6.04 -22.83
CA LYS A 117 5.87 5.79 -21.70
C LYS A 117 6.50 4.93 -20.61
N LYS A 118 7.58 4.23 -20.96
CA LYS A 118 8.28 3.36 -20.04
C LYS A 118 9.56 3.98 -19.48
N GLN A 119 9.95 5.14 -20.00
CA GLN A 119 11.23 5.74 -19.59
C GLN A 119 11.23 6.11 -18.10
N GLY A 120 12.18 5.51 -17.38
CA GLY A 120 12.35 5.81 -15.96
C GLY A 120 11.31 5.26 -15.02
N VAL A 121 10.31 4.55 -15.54
CA VAL A 121 9.33 3.87 -14.67
C VAL A 121 9.91 2.52 -14.23
N TYR A 122 9.26 1.90 -13.26
CA TYR A 122 9.81 0.70 -12.64
C TYR A 122 9.04 -0.54 -13.06
N ALA A 123 9.76 -1.44 -13.75
CA ALA A 123 9.19 -2.68 -14.27
C ALA A 123 8.53 -3.47 -13.14
N TRP A 124 7.22 -3.68 -13.28
CA TRP A 124 6.45 -4.22 -12.17
C TRP A 124 6.74 -5.67 -11.83
N LYS A 125 7.14 -6.45 -12.82
CA LYS A 125 7.38 -7.87 -12.60
C LYS A 125 8.73 -8.35 -13.13
N LEU A 126 9.58 -8.77 -12.19
CA LEU A 126 10.84 -9.42 -12.50
C LEU A 126 10.74 -10.89 -12.12
N LYS A 127 11.60 -11.71 -12.71
CA LYS A 127 11.82 -13.08 -12.24
C LYS A 127 13.31 -13.39 -12.33
N LEU A 128 13.73 -14.43 -11.63
CA LEU A 128 15.05 -15.02 -11.85
C LEU A 128 14.89 -16.08 -12.95
N ASN A 129 15.81 -16.10 -13.92
CA ASN A 129 15.72 -17.10 -14.99
C ASN A 129 16.22 -18.46 -14.53
N GLN A 130 16.25 -19.45 -15.44
CA GLN A 130 16.67 -20.81 -15.10
C GLN A 130 18.10 -20.89 -14.55
N ASN A 131 18.89 -19.85 -14.81
CA ASN A 131 20.27 -19.80 -14.34
C ASN A 131 20.43 -18.94 -13.08
N GLY A 132 19.32 -18.42 -12.57
CA GLY A 132 19.32 -17.63 -11.34
C GLY A 132 19.55 -16.14 -11.49
N PHE A 133 19.56 -15.65 -12.74
CA PHE A 133 19.79 -14.23 -12.99
C PHE A 133 18.49 -13.48 -13.26
N VAL A 134 18.42 -12.27 -12.73
CA VAL A 134 17.20 -11.45 -12.81
C VAL A 134 16.94 -10.91 -14.21
N TYR A 135 15.67 -10.86 -14.58
CA TYR A 135 15.24 -10.26 -15.84
C TYR A 135 13.84 -9.71 -15.67
N LYS A 136 13.48 -8.80 -16.57
CA LYS A 136 12.16 -8.16 -16.58
C LYS A 136 11.17 -9.02 -17.37
N VAL A 137 10.11 -9.46 -16.70
CA VAL A 137 9.05 -10.20 -17.35
C VAL A 137 8.11 -9.20 -18.01
N ASP A 138 7.82 -8.12 -17.29
CA ASP A 138 6.93 -7.07 -17.77
C ASP A 138 7.51 -5.72 -17.37
N GLU A 139 7.79 -4.89 -18.39
CA GLU A 139 8.44 -3.60 -18.20
C GLU A 139 7.46 -2.51 -17.78
N GLY A 140 6.17 -2.80 -17.93
CA GLY A 140 5.11 -1.89 -17.53
C GLY A 140 5.12 -1.64 -16.03
N PRO A 141 4.72 -0.45 -15.60
CA PRO A 141 4.72 -0.12 -14.18
C PRO A 141 3.44 -0.54 -13.44
N ALA A 142 3.57 -0.70 -12.13
CA ALA A 142 2.44 -0.71 -11.21
C ALA A 142 2.61 0.53 -10.34
N PRO A 143 1.96 1.63 -10.73
CA PRO A 143 2.24 2.97 -10.17
C PRO A 143 2.17 3.13 -8.64
N ASP A 144 1.47 2.26 -7.90
CA ASP A 144 1.54 2.29 -6.43
C ASP A 144 2.94 1.95 -5.92
N GLY A 145 3.72 1.24 -6.74
CA GLY A 145 5.13 0.97 -6.46
C GLY A 145 5.94 2.26 -6.43
N GLU A 146 5.89 3.01 -7.54
CA GLU A 146 6.57 4.29 -7.62
C GLU A 146 6.14 5.26 -6.51
N GLU A 147 4.83 5.29 -6.22
CA GLU A 147 4.30 6.11 -5.12
C GLU A 147 5.00 5.80 -3.79
N TYR A 148 5.06 4.53 -3.44
CA TYR A 148 5.72 4.13 -2.19
C TYR A 148 7.23 4.31 -2.24
N PHE A 149 7.85 4.16 -3.42
CA PHE A 149 9.30 4.41 -3.54
C PHE A 149 9.59 5.86 -3.16
N ALA A 150 8.81 6.78 -3.74
CA ALA A 150 9.00 8.21 -3.50
C ALA A 150 8.80 8.53 -2.02
N PHE A 151 7.72 7.97 -1.46
CA PHE A 151 7.41 8.16 -0.05
C PHE A 151 8.56 7.65 0.84
N ALA A 152 9.01 6.43 0.57
CA ALA A 152 10.06 5.82 1.37
C ALA A 152 11.38 6.62 1.29
N LEU A 153 11.72 7.06 0.08
CA LEU A 153 12.97 7.75 -0.18
C LEU A 153 13.02 9.13 0.49
N LEU A 154 11.89 9.85 0.45
CA LEU A 154 11.79 11.15 1.12
C LEU A 154 11.99 11.00 2.62
N ASN A 155 11.39 9.97 3.22
CA ASN A 155 11.58 9.67 4.63
C ASN A 155 13.02 9.22 4.97
N ALA A 156 13.63 8.44 4.08
CA ALA A 156 15.02 8.02 4.25
C ALA A 156 15.95 9.23 4.27
N SER A 157 15.75 10.15 3.34
CA SER A 157 16.47 11.43 3.31
C SER A 157 16.32 12.19 4.64
N ALA A 158 15.09 12.31 5.12
CA ALA A 158 14.81 13.04 6.36
C ALA A 158 15.49 12.39 7.56
N ARG A 159 15.48 11.07 7.61
CA ARG A 159 16.00 10.35 8.78
C ARG A 159 17.51 10.21 8.77
N TRP A 160 18.09 9.96 7.60
CA TRP A 160 19.48 9.50 7.51
C TRP A 160 20.44 10.44 6.80
N GLY A 161 19.91 11.46 6.12
CA GLY A 161 20.72 12.35 5.32
C GLY A 161 21.15 11.74 4.00
N ASN A 162 21.87 12.50 3.19
CA ASN A 162 22.07 12.15 1.78
C ASN A 162 23.51 12.02 1.33
N SER A 163 24.41 11.76 2.28
CA SER A 163 25.84 11.75 2.02
C SER A 163 26.44 10.34 1.98
N GLY A 164 25.60 9.31 2.14
CA GLY A 164 26.04 7.93 2.08
C GLY A 164 26.01 7.36 0.67
N GLU A 165 25.73 6.07 0.58
CA GLU A 165 25.64 5.40 -0.71
C GLU A 165 24.62 6.10 -1.62
N PHE A 166 23.49 6.48 -1.04
CA PHE A 166 22.41 7.07 -1.82
C PHE A 166 22.13 8.52 -1.42
N ASN A 167 21.93 9.35 -2.44
CA ASN A 167 21.28 10.62 -2.22
C ASN A 167 19.78 10.33 -2.29
N TYR A 168 19.21 9.89 -1.17
CA TYR A 168 17.78 9.54 -1.11
C TYR A 168 16.89 10.65 -1.63
N TYR A 169 17.20 11.90 -1.26
CA TYR A 169 16.37 13.03 -1.64
C TYR A 169 16.34 13.21 -3.15
N ASN A 170 17.51 13.22 -3.79
CA ASN A 170 17.57 13.34 -5.25
C ASN A 170 16.82 12.18 -5.93
N ASP A 171 17.01 10.97 -5.41
CA ASP A 171 16.30 9.79 -5.91
C ASP A 171 14.78 9.97 -5.76
N ALA A 172 14.36 10.54 -4.63
CA ALA A 172 12.93 10.78 -4.38
C ALA A 172 12.32 11.79 -5.36
N ILE A 173 13.02 12.90 -5.58
CA ILE A 173 12.54 13.96 -6.48
C ILE A 173 12.47 13.43 -7.92
N THR A 174 13.46 12.63 -8.30
CA THR A 174 13.44 11.95 -9.59
C THR A 174 12.21 11.05 -9.72
N MET A 175 11.93 10.27 -8.67
CA MET A 175 10.74 9.41 -8.62
C MET A 175 9.44 10.21 -8.76
N LEU A 176 9.36 11.34 -8.04
CA LEU A 176 8.17 12.20 -8.10
C LEU A 176 7.94 12.77 -9.50
N ASN A 177 9.01 13.21 -10.14
CA ASN A 177 8.91 13.71 -11.51
C ASN A 177 8.48 12.62 -12.49
N THR A 178 8.97 11.40 -12.26
CA THR A 178 8.54 10.24 -13.04
C THR A 178 7.04 9.97 -12.85
N ILE A 179 6.56 10.02 -11.60
CA ILE A 179 5.12 9.83 -11.36
C ILE A 179 4.32 10.92 -12.10
N LYS A 180 4.73 12.17 -11.93
CA LYS A 180 4.08 13.30 -12.57
C LYS A 180 4.01 13.17 -14.09
N ASN A 181 5.12 12.78 -14.71
CA ASN A 181 5.26 12.79 -16.16
C ASN A 181 4.79 11.53 -16.87
N LYS A 182 4.80 10.40 -16.15
CA LYS A 182 4.55 9.09 -16.77
C LYS A 182 3.31 8.39 -16.23
N LEU A 183 2.95 8.70 -14.99
CA LEU A 183 1.98 7.87 -14.26
C LEU A 183 0.73 8.61 -13.78
N MET A 184 0.49 9.80 -14.35
CA MET A 184 -0.66 10.60 -13.96
C MET A 184 -1.53 10.95 -15.17
N GLU A 185 -2.84 11.02 -14.95
CA GLU A 185 -3.75 11.67 -15.90
C GLU A 185 -4.62 12.68 -15.15
N ASN A 186 -4.59 13.94 -15.59
CA ASN A 186 -5.33 15.03 -14.93
C ASN A 186 -5.15 14.98 -13.41
N GLN A 187 -3.90 14.77 -12.98
CA GLN A 187 -3.53 14.71 -11.56
C GLN A 187 -4.19 13.58 -10.76
N ILE A 188 -4.63 12.53 -11.45
CA ILE A 188 -5.08 11.30 -10.81
C ILE A 188 -4.16 10.16 -11.24
N ILE A 189 -3.71 9.39 -10.26
CA ILE A 189 -2.78 8.28 -10.51
C ILE A 189 -3.35 7.25 -11.51
N ARG A 190 -2.52 6.87 -12.49
CA ARG A 190 -2.95 5.95 -13.54
C ARG A 190 -2.89 4.50 -13.07
N PHE A 191 -3.78 3.68 -13.59
CA PHE A 191 -3.60 2.23 -13.55
C PHE A 191 -2.55 1.83 -14.60
N SER A 192 -2.61 2.50 -15.75
CA SER A 192 -1.72 2.19 -16.88
C SER A 192 -1.40 3.44 -17.71
N PRO A 193 -0.14 3.62 -18.09
CA PRO A 193 0.21 4.65 -19.09
C PRO A 193 -0.57 4.47 -20.41
N TYR A 194 -1.07 3.27 -20.67
CA TYR A 194 -1.63 2.92 -21.99
C TYR A 194 -3.16 2.97 -22.06
N ILE A 195 -3.77 3.32 -20.93
CA ILE A 195 -5.23 3.40 -20.84
C ILE A 195 -5.58 4.69 -20.15
N ASP A 196 -6.53 5.41 -20.73
CA ASP A 196 -7.00 6.67 -20.18
C ASP A 196 -8.31 6.49 -19.42
N ASN A 197 -8.66 7.48 -18.61
CA ASN A 197 -9.86 7.43 -17.79
C ASN A 197 -9.91 6.15 -16.95
N LEU A 198 -8.77 5.80 -16.35
CA LEU A 198 -8.71 4.61 -15.54
C LEU A 198 -7.80 4.79 -14.33
N THR A 199 -8.38 4.57 -13.14
CA THR A 199 -7.58 4.50 -11.93
C THR A 199 -7.88 3.24 -11.12
N ASP A 200 -7.10 3.04 -10.07
CA ASP A 200 -7.23 1.88 -9.20
C ASP A 200 -7.35 2.48 -7.80
N PRO A 201 -8.53 2.45 -7.21
CA PRO A 201 -8.76 3.07 -5.89
C PRO A 201 -7.67 2.75 -4.86
N SER A 202 -7.13 1.53 -4.87
CA SER A 202 -6.07 1.12 -3.92
C SER A 202 -4.77 1.90 -4.05
N TYR A 203 -4.57 2.56 -5.20
CA TYR A 203 -3.37 3.38 -5.41
C TYR A 203 -3.49 4.77 -4.76
N HIS A 204 -4.70 5.12 -4.33
CA HIS A 204 -4.95 6.44 -3.78
C HIS A 204 -4.61 6.54 -2.29
N ILE A 205 -3.55 7.29 -1.99
CA ILE A 205 -3.16 7.57 -0.61
C ILE A 205 -2.96 9.08 -0.48
N PRO A 206 -4.06 9.81 -0.27
CA PRO A 206 -4.03 11.28 -0.32
C PRO A 206 -2.96 11.90 0.59
N ALA A 207 -2.76 11.34 1.78
CA ALA A 207 -1.78 11.89 2.73
C ALA A 207 -0.35 11.89 2.16
N PHE A 208 -0.02 10.87 1.36
CA PHE A 208 1.29 10.82 0.71
C PHE A 208 1.52 12.05 -0.17
N TYR A 209 0.47 12.50 -0.86
CA TYR A 209 0.60 13.61 -1.79
C TYR A 209 0.79 14.92 -1.04
N ASP A 210 0.11 15.08 0.10
CA ASP A 210 0.35 16.23 0.98
C ASP A 210 1.79 16.24 1.50
N TYR A 211 2.28 15.05 1.85
CA TYR A 211 3.68 14.87 2.26
C TYR A 211 4.65 15.23 1.13
N PHE A 212 4.35 14.76 -0.08
CA PHE A 212 5.15 15.13 -1.26
C PHE A 212 5.20 16.65 -1.41
N ALA A 213 4.04 17.31 -1.32
CA ALA A 213 3.93 18.77 -1.44
C ALA A 213 4.85 19.51 -0.46
N ASN A 214 4.94 19.02 0.77
CA ASN A 214 5.78 19.66 1.79
C ASN A 214 7.27 19.35 1.68
N ASN A 215 7.62 18.45 0.75
CA ASN A 215 9.01 18.03 0.61
C ASN A 215 9.65 18.32 -0.75
N VAL A 216 8.93 19.04 -1.61
CA VAL A 216 9.51 19.59 -2.83
C VAL A 216 9.85 21.06 -2.58
N THR A 217 10.77 21.62 -3.36
CA THR A 217 11.22 22.98 -3.04
C THR A 217 10.52 24.09 -3.81
N ASN A 218 10.16 23.80 -5.06
CA ASN A 218 9.59 24.85 -5.92
C ASN A 218 8.06 25.02 -5.78
N GLN A 219 7.60 26.26 -5.91
CA GLN A 219 6.19 26.60 -5.73
C GLN A 219 5.24 25.81 -6.63
N ALA A 220 5.56 25.71 -7.92
CA ALA A 220 4.70 24.99 -8.85
C ALA A 220 4.46 23.54 -8.41
N ASP A 221 5.53 22.87 -7.97
CA ASP A 221 5.42 21.46 -7.60
C ASP A 221 4.71 21.28 -6.25
N LYS A 222 4.92 22.22 -5.33
CA LYS A 222 4.17 22.24 -4.06
C LYS A 222 2.66 22.29 -4.33
N ASN A 223 2.25 23.21 -5.19
CA ASN A 223 0.84 23.33 -5.57
C ASN A 223 0.34 22.11 -6.34
N TYR A 224 1.20 21.57 -7.21
CA TYR A 224 0.83 20.40 -7.99
C TYR A 224 0.41 19.25 -7.07
N TRP A 225 1.24 18.93 -6.09
CA TRP A 225 1.01 17.78 -5.22
C TRP A 225 -0.15 17.97 -4.24
N ARG A 226 -0.38 19.22 -3.80
CA ARG A 226 -1.54 19.54 -2.97
C ARG A 226 -2.84 19.35 -3.75
N GLN A 227 -2.81 19.70 -5.03
CA GLN A 227 -3.94 19.46 -5.92
C GLN A 227 -4.17 17.96 -6.15
N VAL A 228 -3.09 17.20 -6.26
CA VAL A 228 -3.20 15.74 -6.40
C VAL A 228 -3.87 15.17 -5.14
N ALA A 229 -3.49 15.70 -3.98
CA ALA A 229 -4.06 15.26 -2.70
C ALA A 229 -5.58 15.50 -2.64
N THR A 230 -6.00 16.71 -3.00
CA THR A 230 -7.42 17.10 -3.01
C THR A 230 -8.23 16.27 -4.00
N LYS A 231 -7.67 16.07 -5.20
CA LYS A 231 -8.34 15.29 -6.25
C LYS A 231 -8.45 13.82 -5.89
N SER A 232 -7.51 13.34 -5.09
CA SER A 232 -7.51 11.95 -4.64
C SER A 232 -8.60 11.73 -3.59
N ARG A 233 -8.71 12.66 -2.65
CA ARG A 233 -9.79 12.63 -1.68
C ARG A 233 -11.14 12.69 -2.40
N THR A 234 -11.24 13.56 -3.40
CA THR A 234 -12.45 13.64 -4.22
C THR A 234 -12.75 12.32 -4.94
N LEU A 235 -11.73 11.73 -5.56
CA LEU A 235 -11.88 10.43 -6.22
C LEU A 235 -12.42 9.41 -5.25
N LEU A 236 -11.78 9.29 -4.09
CA LEU A 236 -12.19 8.33 -3.07
C LEU A 236 -13.60 8.63 -2.54
N LYS A 237 -13.89 9.89 -2.26
CA LYS A 237 -15.25 10.30 -1.87
C LYS A 237 -16.27 9.86 -2.92
N ASN A 238 -16.01 10.21 -4.18
CA ASN A 238 -16.88 9.84 -5.29
C ASN A 238 -17.07 8.33 -5.41
N HIS A 239 -15.97 7.58 -5.31
CA HIS A 239 -16.00 6.12 -5.40
C HIS A 239 -16.88 5.52 -4.29
N PHE A 240 -16.69 6.01 -3.07
CA PHE A 240 -17.49 5.50 -1.94
C PHE A 240 -18.97 5.86 -2.03
N THR A 241 -19.28 7.04 -2.56
CA THR A 241 -20.67 7.40 -2.85
C THR A 241 -21.28 6.40 -3.85
N LYS A 242 -20.52 6.08 -4.89
CA LYS A 242 -21.02 5.22 -5.98
C LYS A 242 -21.16 3.75 -5.56
N VAL A 243 -20.32 3.30 -4.64
CA VAL A 243 -20.43 1.93 -4.11
C VAL A 243 -21.40 1.77 -2.92
N SER A 244 -21.91 2.88 -2.41
CA SER A 244 -22.84 2.86 -1.28
C SER A 244 -24.19 2.24 -1.69
N GLY A 245 -24.70 1.33 -0.87
CA GLY A 245 -25.96 0.65 -1.15
C GLY A 245 -25.93 -0.19 -2.41
N SER A 246 -27.10 -0.48 -2.96
CA SER A 246 -27.20 -1.24 -4.20
C SER A 246 -26.58 -0.43 -5.34
N PRO A 247 -25.87 -1.09 -6.27
CA PRO A 247 -25.63 -2.54 -6.26
C PRO A 247 -24.28 -3.00 -5.69
N HIS A 248 -23.37 -2.10 -5.30
CA HIS A 248 -22.04 -2.53 -4.86
C HIS A 248 -21.93 -2.86 -3.37
N TRP A 249 -22.94 -2.45 -2.62
CA TRP A 249 -23.09 -2.79 -1.20
C TRP A 249 -21.87 -2.46 -0.34
N ASN A 250 -21.34 -1.25 -0.55
CA ASN A 250 -20.45 -0.56 0.39
C ASN A 250 -18.98 -1.00 0.42
N LEU A 251 -18.59 -1.83 -0.54
CA LEU A 251 -17.20 -2.23 -0.71
C LEU A 251 -16.61 -1.58 -1.96
N PRO A 252 -15.41 -1.02 -1.85
CA PRO A 252 -14.74 -0.37 -2.98
C PRO A 252 -14.29 -1.44 -3.95
N THR A 253 -13.96 -1.06 -5.18
CA THR A 253 -13.65 -2.03 -6.22
C THR A 253 -12.21 -1.92 -6.74
N PHE A 254 -11.83 -2.95 -7.50
CA PHE A 254 -10.53 -3.08 -8.16
C PHE A 254 -10.24 -1.86 -9.04
N LEU A 255 -11.16 -1.54 -9.95
CA LEU A 255 -10.93 -0.49 -10.94
C LEU A 255 -12.02 0.57 -10.93
N SER A 256 -11.63 1.79 -11.26
CA SER A 256 -12.56 2.90 -11.24
C SER A 256 -12.31 3.87 -12.39
N ARG A 257 -13.38 4.49 -12.86
CA ARG A 257 -13.28 5.63 -13.76
C ARG A 257 -12.84 6.85 -12.93
N LEU A 258 -12.38 7.91 -13.61
CA LEU A 258 -11.90 9.10 -12.92
C LEU A 258 -12.97 9.89 -12.16
N ASP A 259 -14.23 9.57 -12.42
CA ASP A 259 -15.35 10.15 -11.66
C ASP A 259 -15.75 9.27 -10.47
N GLY A 260 -15.02 8.18 -10.24
CA GLY A 260 -15.28 7.29 -9.13
C GLY A 260 -16.15 6.09 -9.47
N SER A 261 -16.69 6.05 -10.69
CA SER A 261 -17.53 4.93 -11.13
C SER A 261 -16.74 3.64 -11.20
N PRO A 262 -17.20 2.59 -10.51
CA PRO A 262 -16.59 1.27 -10.65
C PRO A 262 -16.60 0.84 -12.13
N VAL A 263 -15.48 0.28 -12.58
CA VAL A 263 -15.40 -0.30 -13.91
C VAL A 263 -16.17 -1.62 -13.87
N ILE A 264 -17.10 -1.79 -14.81
CA ILE A 264 -17.92 -3.00 -14.85
C ILE A 264 -17.34 -4.03 -15.83
N GLY A 265 -17.04 -5.22 -15.32
CA GLY A 265 -16.52 -6.31 -16.13
C GLY A 265 -15.10 -6.07 -16.65
N TYR A 266 -14.81 -6.66 -17.81
CA TYR A 266 -13.49 -6.55 -18.43
C TYR A 266 -13.44 -5.39 -19.43
N ILE A 267 -12.32 -4.69 -19.45
CA ILE A 267 -12.11 -3.55 -20.36
C ILE A 267 -10.80 -3.58 -21.16
N PHE A 268 -9.87 -4.46 -20.78
CA PHE A 268 -8.61 -4.57 -21.52
C PHE A 268 -8.05 -5.98 -21.52
N ASN A 269 -7.33 -6.32 -22.59
CA ASN A 269 -6.65 -7.61 -22.70
C ASN A 269 -5.56 -7.72 -21.64
N GLY A 270 -5.62 -8.78 -20.83
CA GLY A 270 -4.63 -8.97 -19.76
C GLY A 270 -5.15 -8.65 -18.37
N GLN A 271 -6.34 -8.05 -18.29
CA GLN A 271 -6.99 -7.73 -17.01
C GLN A 271 -7.17 -8.96 -16.12
N ALA A 272 -6.71 -8.87 -14.87
CA ALA A 272 -6.69 -10.01 -13.97
C ALA A 272 -8.09 -10.45 -13.50
N ASN A 273 -8.92 -9.46 -13.20
CA ASN A 273 -10.25 -9.68 -12.61
C ASN A 273 -11.23 -8.64 -13.10
N PRO A 274 -12.54 -8.91 -13.06
CA PRO A 274 -13.54 -7.89 -13.38
C PRO A 274 -13.33 -6.62 -12.57
N GLY A 275 -13.59 -5.47 -13.17
CA GLY A 275 -13.30 -4.18 -12.55
C GLY A 275 -14.07 -3.91 -11.27
N GLN A 276 -15.30 -4.47 -11.17
CA GLN A 276 -16.20 -4.15 -10.06
C GLN A 276 -16.00 -5.08 -8.85
N TRP A 277 -15.04 -5.99 -8.94
CA TRP A 277 -14.73 -6.88 -7.83
C TRP A 277 -14.06 -6.13 -6.69
N TYR A 278 -14.54 -6.39 -5.47
CA TYR A 278 -13.77 -6.13 -4.27
C TYR A 278 -12.88 -7.35 -4.19
N GLU A 279 -11.63 -7.20 -4.56
CA GLU A 279 -10.67 -8.29 -4.56
C GLU A 279 -9.38 -7.82 -3.88
N PHE A 280 -8.27 -8.44 -4.25
CA PHE A 280 -6.98 -8.25 -3.56
C PHE A 280 -6.48 -6.80 -3.49
N ASP A 281 -6.52 -6.08 -4.63
CA ASP A 281 -6.20 -4.66 -4.63
C ASP A 281 -7.16 -3.90 -3.70
N ALA A 282 -8.46 -4.13 -3.88
CA ALA A 282 -9.49 -3.39 -3.15
C ALA A 282 -9.40 -3.50 -1.61
N TRP A 283 -8.82 -4.60 -1.11
CA TRP A 283 -8.61 -4.76 0.34
C TRP A 283 -7.96 -3.52 0.92
N ARG A 284 -7.03 -2.94 0.16
CA ARG A 284 -6.18 -1.84 0.62
C ARG A 284 -6.90 -0.50 0.72
N VAL A 285 -8.03 -0.35 0.02
CA VAL A 285 -8.70 0.95 -0.01
C VAL A 285 -9.05 1.47 1.39
N ILE A 286 -9.78 0.72 2.20
CA ILE A 286 -10.14 1.27 3.52
C ILE A 286 -8.94 1.37 4.47
N MET A 287 -7.92 0.55 4.23
CA MET A 287 -6.63 0.69 4.90
C MET A 287 -6.05 2.08 4.60
N ASN A 288 -6.06 2.46 3.32
CA ASN A 288 -5.62 3.80 2.91
C ASN A 288 -6.46 4.94 3.50
N VAL A 289 -7.77 4.70 3.61
CA VAL A 289 -8.69 5.68 4.20
C VAL A 289 -8.31 5.87 5.67
N GLY A 290 -8.06 4.76 6.37
CA GLY A 290 -7.63 4.81 7.76
C GLY A 290 -6.31 5.54 7.90
N LEU A 291 -5.38 5.27 6.98
CA LEU A 291 -4.08 5.96 6.94
C LEU A 291 -4.31 7.48 6.83
N ASP A 292 -5.12 7.87 5.85
CA ASP A 292 -5.36 9.29 5.60
C ASP A 292 -6.04 9.97 6.78
N ALA A 293 -7.02 9.30 7.38
CA ALA A 293 -7.74 9.84 8.53
C ALA A 293 -6.78 10.07 9.69
N HIS A 294 -5.93 9.07 9.94
CA HIS A 294 -4.93 9.16 11.01
C HIS A 294 -3.94 10.31 10.76
N LEU A 295 -3.36 10.35 9.56
CA LEU A 295 -2.28 11.27 9.25
C LEU A 295 -2.73 12.71 8.95
N MET A 296 -3.86 12.84 8.25
CA MET A 296 -4.34 14.14 7.79
C MET A 296 -5.66 14.60 8.41
N GLY A 297 -6.28 13.74 9.21
CA GLY A 297 -7.50 14.11 9.92
C GLY A 297 -8.72 13.38 9.41
N ALA A 298 -9.57 12.94 10.33
CA ALA A 298 -10.79 12.21 10.00
C ALA A 298 -11.95 13.17 9.67
N GLN A 299 -12.46 13.04 8.45
CA GLN A 299 -13.64 13.79 8.02
C GLN A 299 -14.84 12.85 7.93
N ALA A 300 -16.01 13.41 7.68
CA ALA A 300 -17.24 12.63 7.58
C ALA A 300 -17.09 11.49 6.58
N TRP A 301 -16.50 11.76 5.42
CA TRP A 301 -16.37 10.74 4.38
C TRP A 301 -15.48 9.55 4.77
N HIS A 302 -14.39 9.80 5.50
CA HIS A 302 -13.54 8.72 6.00
C HIS A 302 -14.35 7.76 6.84
N LYS A 303 -15.08 8.31 7.81
CA LYS A 303 -15.85 7.51 8.77
C LYS A 303 -16.95 6.73 8.06
N SER A 304 -17.64 7.38 7.13
CA SER A 304 -18.69 6.73 6.38
C SER A 304 -18.16 5.58 5.51
N ALA A 305 -17.06 5.83 4.80
CA ALA A 305 -16.41 4.80 3.98
C ALA A 305 -16.11 3.56 4.82
N VAL A 306 -15.43 3.75 5.94
CA VAL A 306 -14.99 2.61 6.76
C VAL A 306 -16.14 1.95 7.51
N ASN A 307 -16.99 2.75 8.15
CA ASN A 307 -18.11 2.21 8.92
C ASN A 307 -18.99 1.33 8.03
N LYS A 308 -19.27 1.79 6.82
CA LYS A 308 -20.15 1.04 5.93
C LYS A 308 -19.48 -0.20 5.33
N ALA A 309 -18.19 -0.10 5.02
CA ALA A 309 -17.44 -1.25 4.48
C ALA A 309 -17.31 -2.35 5.52
N LEU A 310 -16.86 -1.99 6.72
CA LEU A 310 -16.75 -2.96 7.80
C LEU A 310 -18.12 -3.51 8.19
N GLY A 311 -19.12 -2.64 8.17
CA GLY A 311 -20.51 -3.05 8.36
C GLY A 311 -20.94 -4.13 7.39
N PHE A 312 -20.58 -3.97 6.11
CA PHE A 312 -20.92 -5.01 5.13
C PHE A 312 -20.22 -6.32 5.42
N LEU A 313 -18.91 -6.25 5.71
CA LEU A 313 -18.13 -7.46 5.94
C LEU A 313 -18.65 -8.23 7.16
N SER A 314 -19.01 -7.48 8.20
CA SER A 314 -19.60 -8.10 9.38
C SER A 314 -20.88 -8.85 9.02
N TYR A 315 -21.74 -8.19 8.24
CA TYR A 315 -22.97 -8.80 7.76
C TYR A 315 -22.70 -10.02 6.87
N ALA A 316 -21.72 -9.89 5.95
CA ALA A 316 -21.37 -10.98 5.04
C ALA A 316 -20.93 -12.23 5.78
N LYS A 317 -20.20 -12.04 6.87
CA LYS A 317 -19.77 -13.11 7.76
C LYS A 317 -20.97 -13.89 8.37
N THR A 318 -22.00 -13.17 8.80
CA THR A 318 -23.19 -13.81 9.37
C THR A 318 -23.96 -14.62 8.32
N ASN A 319 -23.77 -14.28 7.06
CA ASN A 319 -24.41 -15.02 5.98
C ASN A 319 -23.42 -15.90 5.23
N ASN A 320 -22.39 -16.36 5.94
CA ASN A 320 -21.41 -17.26 5.36
C ASN A 320 -21.39 -18.57 6.14
N SER A 321 -21.47 -19.69 5.41
CA SER A 321 -21.46 -21.01 6.02
C SER A 321 -20.16 -21.35 6.78
N LYS A 322 -19.08 -20.64 6.47
CA LYS A 322 -17.80 -20.86 7.14
C LYS A 322 -17.55 -19.85 8.26
N ASN A 323 -18.56 -19.03 8.56
CA ASN A 323 -18.48 -17.96 9.56
C ASN A 323 -17.26 -17.05 9.39
N CYS A 324 -17.04 -16.64 8.14
CA CYS A 324 -15.99 -15.68 7.84
C CYS A 324 -16.52 -14.75 6.77
N TYR A 325 -15.98 -13.55 6.68
CA TYR A 325 -16.15 -12.81 5.44
C TYR A 325 -15.05 -13.26 4.48
N GLU A 326 -15.32 -13.13 3.19
CA GLU A 326 -14.45 -13.71 2.18
C GLU A 326 -13.52 -12.69 1.54
N GLN A 327 -12.58 -13.19 0.74
CA GLN A 327 -11.56 -12.38 0.09
C GLN A 327 -12.04 -11.58 -1.12
N VAL A 328 -13.13 -12.07 -1.74
CA VAL A 328 -13.63 -11.45 -2.97
C VAL A 328 -15.17 -11.35 -2.97
N TYR A 329 -15.66 -10.14 -3.19
CA TYR A 329 -17.09 -9.89 -3.33
C TYR A 329 -17.33 -9.15 -4.64
N SER A 330 -18.49 -9.40 -5.25
CA SER A 330 -18.90 -8.67 -6.44
C SER A 330 -20.39 -8.37 -6.30
N TYR A 331 -20.75 -7.09 -6.38
CA TYR A 331 -22.12 -6.64 -6.16
C TYR A 331 -22.70 -7.20 -4.85
N GLY A 332 -21.87 -7.22 -3.80
CA GLY A 332 -22.29 -7.70 -2.50
C GLY A 332 -22.39 -9.21 -2.38
N GLY A 333 -22.00 -9.93 -3.44
CA GLY A 333 -22.08 -11.38 -3.45
C GLY A 333 -20.74 -12.06 -3.33
N ALA A 334 -20.65 -13.04 -2.44
CA ALA A 334 -19.42 -13.79 -2.24
C ALA A 334 -19.05 -14.57 -3.49
N GLN A 335 -17.76 -14.54 -3.84
CA GLN A 335 -17.29 -15.18 -5.05
C GLN A 335 -16.58 -16.52 -4.81
N ASN A 336 -16.66 -17.01 -3.58
CA ASN A 336 -16.08 -18.31 -3.20
C ASN A 336 -14.57 -18.38 -3.40
N ARG A 337 -13.88 -17.31 -3.06
CA ARG A 337 -12.42 -17.27 -3.20
C ARG A 337 -11.70 -17.33 -1.85
N GLY A 338 -12.36 -17.94 -0.87
CA GLY A 338 -11.73 -18.24 0.40
C GLY A 338 -12.04 -17.23 1.50
N CYS A 339 -11.96 -17.70 2.74
CA CYS A 339 -12.09 -16.85 3.92
C CYS A 339 -10.98 -15.80 3.95
N ALA A 340 -11.28 -14.63 4.51
CA ALA A 340 -10.29 -13.56 4.65
C ALA A 340 -9.00 -14.09 5.25
N GLY A 341 -7.88 -13.74 4.64
CA GLY A 341 -6.57 -14.09 5.17
C GLY A 341 -5.99 -12.97 6.00
N GLU A 342 -4.71 -13.12 6.35
CA GLU A 342 -4.06 -12.19 7.26
C GLU A 342 -3.99 -10.77 6.69
N GLY A 343 -3.67 -10.65 5.40
CA GLY A 343 -3.52 -9.35 4.77
C GLY A 343 -4.80 -8.52 4.77
N GLN A 344 -5.92 -9.20 4.52
CA GLN A 344 -7.22 -8.54 4.48
C GLN A 344 -7.64 -8.10 5.89
N LYS A 345 -7.42 -8.97 6.87
CA LYS A 345 -7.68 -8.64 8.26
C LYS A 345 -6.81 -7.48 8.74
N ALA A 346 -5.56 -7.46 8.28
CA ALA A 346 -4.62 -6.38 8.55
C ALA A 346 -5.11 -5.07 7.94
N ALA A 347 -5.50 -5.11 6.67
CA ALA A 347 -6.02 -3.91 6.00
C ALA A 347 -7.22 -3.35 6.78
N ASN A 348 -8.10 -4.24 7.23
CA ASN A 348 -9.29 -3.87 7.97
C ASN A 348 -9.01 -3.33 9.37
N ALA A 349 -7.93 -3.80 10.00
CA ALA A 349 -7.49 -3.25 11.29
C ALA A 349 -7.05 -1.79 11.16
N VAL A 350 -6.28 -1.49 10.12
CA VAL A 350 -5.81 -0.12 9.88
C VAL A 350 -6.98 0.84 9.60
N ALA A 351 -8.00 0.32 8.93
CA ALA A 351 -9.21 1.08 8.62
C ALA A 351 -9.89 1.62 9.87
N LEU A 352 -9.68 0.94 10.98
CA LEU A 352 -10.25 1.35 12.27
C LEU A 352 -9.83 2.74 12.73
N LEU A 353 -8.74 3.26 12.16
CA LEU A 353 -8.28 4.62 12.44
C LEU A 353 -9.28 5.70 11.92
N ALA A 354 -10.25 5.26 11.12
CA ALA A 354 -11.34 6.13 10.68
C ALA A 354 -12.70 5.66 11.23
N SER A 355 -12.72 4.54 11.96
CA SER A 355 -13.95 3.96 12.51
C SER A 355 -14.48 4.75 13.72
N THR A 356 -15.81 4.80 13.84
CA THR A 356 -16.46 5.40 15.00
C THR A 356 -17.29 4.40 15.81
N ASN A 357 -17.06 3.11 15.54
CA ASN A 357 -17.80 2.04 16.22
C ASN A 357 -16.88 1.15 17.05
N ALA A 358 -16.89 1.38 18.37
CA ALA A 358 -16.06 0.61 19.31
C ALA A 358 -16.28 -0.90 19.21
N GLY A 359 -17.54 -1.31 18.99
CA GLY A 359 -17.88 -2.71 18.80
C GLY A 359 -17.22 -3.32 17.57
N GLN A 360 -17.34 -2.64 16.44
CA GLN A 360 -16.66 -2.99 15.19
C GLN A 360 -15.14 -3.07 15.45
N ALA A 361 -14.60 -2.03 16.08
CA ALA A 361 -13.18 -1.93 16.36
C ALA A 361 -12.68 -3.14 17.16
N ASN A 362 -13.39 -3.45 18.24
CA ASN A 362 -13.08 -4.62 19.06
C ASN A 362 -12.97 -5.91 18.24
N GLU A 363 -14.00 -6.19 17.42
CA GLU A 363 -14.02 -7.39 16.61
C GLU A 363 -12.91 -7.41 15.56
N PHE A 364 -12.80 -6.33 14.79
CA PHE A 364 -11.82 -6.31 13.70
C PHE A 364 -10.38 -6.24 14.21
N PHE A 365 -10.14 -5.48 15.28
CA PHE A 365 -8.78 -5.42 15.79
C PHE A 365 -8.33 -6.74 16.41
N ASN A 366 -9.19 -7.37 17.21
CA ASN A 366 -8.84 -8.63 17.85
C ASN A 366 -8.59 -9.77 16.85
N GLU A 367 -9.35 -9.80 15.76
CA GLU A 367 -9.14 -10.80 14.71
C GLU A 367 -7.75 -10.65 14.06
N PHE A 368 -7.28 -9.41 13.95
CA PHE A 368 -5.95 -9.14 13.42
C PHE A 368 -4.87 -9.42 14.46
N TRP A 369 -5.07 -8.95 15.69
CA TRP A 369 -4.07 -9.08 16.74
C TRP A 369 -3.85 -10.54 17.17
N SER A 370 -4.85 -11.38 16.98
CA SER A 370 -4.76 -12.78 17.39
C SER A 370 -4.02 -13.65 16.37
N LEU A 371 -3.75 -13.10 15.18
CA LEU A 371 -3.06 -13.84 14.13
C LEU A 371 -1.58 -14.11 14.41
N SER A 372 -1.08 -15.24 13.93
CA SER A 372 0.36 -15.42 13.80
C SER A 372 0.79 -14.74 12.50
N GLN A 373 2.04 -14.28 12.47
CA GLN A 373 2.62 -13.70 11.26
C GLN A 373 2.52 -14.72 10.11
N PRO A 374 2.09 -14.26 8.94
CA PRO A 374 1.91 -15.14 7.77
C PRO A 374 3.15 -15.95 7.44
N THR A 375 2.92 -17.21 7.08
CA THR A 375 3.95 -18.14 6.62
C THR A 375 3.34 -18.84 5.40
N GLY A 376 4.11 -19.72 4.78
CA GLY A 376 3.59 -20.54 3.69
C GLY A 376 3.57 -19.85 2.34
N ASP A 377 2.92 -20.50 1.38
CA ASP A 377 2.98 -20.11 -0.02
C ASP A 377 2.34 -18.78 -0.39
N TYR A 378 1.41 -18.31 0.43
CA TYR A 378 0.71 -17.06 0.14
C TYR A 378 1.09 -15.88 1.03
N ARG A 379 2.27 -15.97 1.66
CA ARG A 379 2.69 -14.94 2.59
C ARG A 379 3.17 -13.63 1.97
N TYR A 380 3.45 -13.61 0.66
CA TYR A 380 3.89 -12.35 0.05
C TYR A 380 2.90 -11.22 0.33
N TYR A 381 1.66 -11.39 -0.11
CA TYR A 381 0.69 -10.33 -0.02
C TYR A 381 0.18 -10.17 1.41
N ASN A 382 -0.19 -11.29 2.03
CA ASN A 382 -0.61 -11.29 3.42
C ASN A 382 0.47 -10.79 4.38
N GLY A 383 1.70 -11.26 4.19
CA GLY A 383 2.81 -10.86 5.03
C GLY A 383 3.22 -9.42 4.85
N SER A 384 3.18 -8.91 3.61
CA SER A 384 3.50 -7.50 3.34
C SER A 384 2.50 -6.58 4.02
N LEU A 385 1.21 -6.86 3.85
CA LEU A 385 0.17 -6.06 4.49
C LEU A 385 0.18 -6.20 6.01
N TYR A 386 0.49 -7.40 6.50
CA TYR A 386 0.62 -7.64 7.94
C TYR A 386 1.70 -6.74 8.55
N MET A 387 2.85 -6.67 7.88
CA MET A 387 3.95 -5.81 8.32
C MET A 387 3.52 -4.34 8.36
N LEU A 388 2.92 -3.86 7.27
CA LEU A 388 2.45 -2.47 7.20
C LEU A 388 1.44 -2.15 8.30
N ALA A 389 0.46 -3.06 8.49
CA ALA A 389 -0.54 -2.94 9.55
C ALA A 389 0.07 -2.84 10.95
N MET A 390 1.07 -3.69 11.21
CA MET A 390 1.75 -3.67 12.52
C MET A 390 2.34 -2.30 12.82
N LEU A 391 2.91 -1.65 11.80
CA LEU A 391 3.41 -0.29 11.94
C LEU A 391 2.29 0.72 12.17
N HIS A 392 1.21 0.60 11.40
CA HIS A 392 0.08 1.51 11.46
C HIS A 392 -0.65 1.49 12.82
N VAL A 393 -0.73 0.32 13.44
CA VAL A 393 -1.54 0.14 14.65
C VAL A 393 -0.72 0.31 15.93
N SER A 394 0.57 0.56 15.78
CA SER A 394 1.47 0.72 16.90
C SER A 394 2.04 2.14 17.01
N GLY A 395 1.54 3.04 16.16
CA GLY A 395 2.03 4.40 16.10
C GLY A 395 3.42 4.55 15.48
N ASN A 396 3.85 3.56 14.69
CA ASN A 396 5.19 3.58 14.08
C ASN A 396 5.21 4.09 12.64
N PHE A 397 4.05 4.26 12.03
CA PHE A 397 3.97 4.78 10.67
C PHE A 397 3.89 6.31 10.73
N LYS A 398 5.03 6.96 10.52
CA LYS A 398 5.15 8.39 10.71
C LYS A 398 5.65 9.09 9.46
N PHE A 399 5.34 10.39 9.34
CA PHE A 399 5.87 11.20 8.25
C PHE A 399 7.04 11.99 8.80
N TYR A 400 8.22 11.79 8.22
CA TYR A 400 9.41 12.51 8.63
C TYR A 400 9.70 13.59 7.59
N ASN A 401 9.46 14.84 7.94
CA ASN A 401 9.74 15.94 6.99
C ASN A 401 11.22 16.19 6.83
N ASN A 402 11.61 16.52 5.60
CA ASN A 402 12.93 17.06 5.34
C ASN A 402 12.98 18.52 5.76
N THR A 403 14.18 19.02 6.04
CA THR A 403 14.35 20.42 6.43
C THR A 403 15.08 21.18 5.33
N PHE A 404 14.61 22.39 5.05
CA PHE A 404 15.22 23.25 4.02
C PHE A 404 15.66 24.60 4.60
O1 XYP B . -6.64 -17.68 0.58
O1 XYP B . -4.92 -18.67 1.64
C1 XYP B . -5.23 -17.81 0.57
C2 XYP B . -4.55 -16.47 0.79
C3 XYP B . -4.76 -15.56 -0.43
C4 XYP B . -4.38 -16.27 -1.73
C5 XYP B . -5.06 -17.64 -1.80
O2 XYP B . -5.05 -15.86 1.96
O3 XYP B . -4.02 -14.36 -0.28
O4 XYP B . -4.82 -15.52 -2.85
O5 XYP B . -4.82 -18.38 -0.61
C1 XYP B . -3.75 -14.76 -3.46
C2 XYP B . -4.14 -14.53 -4.90
C3 XYP B . -3.14 -13.61 -5.62
C4 XYP B . -2.91 -12.35 -4.81
C5 XYP B . -2.53 -12.72 -3.38
O2 XYP B . -4.20 -15.76 -5.61
O3 XYP B . -3.62 -13.30 -6.91
O4 XYP B . -1.88 -11.63 -5.45
O5 XYP B . -3.52 -13.59 -2.80
C1 XYP B . -1.91 -10.21 -5.19
C2 XYP B . -0.59 -9.68 -5.69
C3 XYP B . -0.51 -8.17 -5.59
C4 XYP B . -1.77 -7.48 -6.14
C5 XYP B . -3.00 -8.16 -5.53
O2 XYP B . 0.46 -10.24 -4.92
O3 XYP B . 0.64 -7.75 -6.31
O4 XYP B . -1.79 -6.11 -5.83
O5 XYP B . -2.94 -9.56 -5.79
#